data_7S96
#
_entry.id   7S96
#
_cell.length_a   41.381
_cell.length_b   95.886
_cell.length_c   125.003
_cell.angle_alpha   90.000
_cell.angle_beta   90.000
_cell.angle_gamma   90.000
#
_symmetry.space_group_name_H-M   'P 21 21 21'
#
loop_
_entity.id
_entity.type
_entity.pdbx_description
1 polymer 'Phycoerythrin alpha subunit 1'
2 polymer 'Phycoerythrin beta subunit'
3 non-polymer PHYCOCYANOBILIN
4 non-polymer 15,16-DIHYDROBILIVERDIN
5 water water
#
loop_
_entity_poly.entity_id
_entity_poly.type
_entity_poly.pdbx_seq_one_letter_code
_entity_poly.pdbx_strand_id
1 'polypeptide(L)' AMAKDSKAPVVEIFDERDGCTSAGSTGKASDAGEKGLLVKVSMQKVGYNAIMAKSVAASYMNA A,C
2 'polypeptide(L)'
;LDAFSKVITSADGKAAYVGGADLQALKKFVSDGNKRMDAVNAIVSNASCIVSDAVSGMVCENPSLIAPNGGVYSNRKMAA
CLRDAEIILRYVSYSLLSGDSSVLEDRCLNGLKETYSSLGVPAAGNARAVAIMKATVNSFINNTAQQKKLSVPSGDCSAL
ASEAGGYFDKVTSAIA
;
B,D
#
loop_
_chem_comp.id
_chem_comp.type
_chem_comp.name
_chem_comp.formula
CYC non-polymer PHYCOCYANOBILIN 'C33 H40 N4 O6'
DBV non-polymer 15,16-DIHYDROBILIVERDIN 'C33 H36 N4 O6'
#
# COMPACT_ATOMS: atom_id res chain seq x y z
N ALA A 1 -10.77 1.12 -30.45
CA ALA A 1 -9.50 0.58 -29.99
C ALA A 1 -9.24 0.94 -28.52
N MET A 2 -8.40 0.16 -27.87
CA MET A 2 -8.05 0.40 -26.47
C MET A 2 -7.38 1.77 -26.31
N ALA A 3 -7.53 2.35 -25.12
CA ALA A 3 -6.77 3.54 -24.80
C ALA A 3 -5.29 3.21 -24.65
N LYS A 4 -4.47 4.25 -24.61
CA LYS A 4 -3.04 4.11 -24.43
C LYS A 4 -2.51 5.04 -23.34
N ASP A 5 -3.36 5.47 -22.42
CA ASP A 5 -3.02 6.49 -21.43
C ASP A 5 -2.71 5.91 -20.05
N SER A 6 -2.64 4.58 -19.93
CA SER A 6 -2.37 3.88 -18.68
C SER A 6 -3.39 4.20 -17.59
N LYS A 7 -4.60 4.63 -17.97
CA LYS A 7 -5.61 5.01 -16.99
C LYS A 7 -6.63 3.89 -16.84
N ALA A 8 -7.11 3.71 -15.62
CA ALA A 8 -8.07 2.66 -15.30
C ALA A 8 -9.10 3.20 -14.31
N PRO A 9 -10.29 2.62 -14.27
CA PRO A 9 -11.30 3.12 -13.32
C PRO A 9 -10.95 2.67 -11.92
N VAL A 10 -10.76 3.64 -11.03
CA VAL A 10 -10.50 3.39 -9.62
C VAL A 10 -11.84 3.42 -8.90
N VAL A 11 -12.28 2.26 -8.42
CA VAL A 11 -13.53 2.12 -7.70
C VAL A 11 -13.21 2.08 -6.21
N GLU A 12 -13.88 2.94 -5.45
CA GLU A 12 -13.73 2.97 -4.01
C GLU A 12 -15.08 2.75 -3.36
N ILE A 13 -15.15 1.81 -2.43
CA ILE A 13 -16.36 1.46 -1.71
C ILE A 13 -16.27 2.04 -0.30
N PHE A 14 -17.28 2.81 0.12
CA PHE A 14 -17.30 3.38 1.46
C PHE A 14 -18.46 2.82 2.27
N ASP A 15 -18.16 2.35 3.48
CA ASP A 15 -19.16 1.88 4.43
C ASP A 15 -18.76 2.48 5.78
N GLU A 16 -19.34 3.62 6.10
CA GLU A 16 -19.06 4.32 7.35
C GLU A 16 -20.24 4.23 8.30
N ARG A 17 -20.99 3.13 8.23
CA ARG A 17 -22.17 2.99 9.08
C ARG A 17 -21.81 2.86 10.56
N ASP A 18 -20.54 2.61 10.91
CA ASP A 18 -20.14 2.64 12.31
C ASP A 18 -20.03 4.05 12.86
N GLY A 19 -20.24 5.08 12.06
CA GLY A 19 -20.26 6.44 12.55
C GLY A 19 -18.93 7.18 12.49
N CYS A 20 -17.83 6.52 12.14
CA CYS A 20 -16.55 7.21 12.08
C CYS A 20 -16.47 7.97 10.77
N THR A 21 -16.43 9.30 10.85
CA THR A 21 -16.39 10.14 9.66
C THR A 21 -15.15 11.02 9.67
N SER A 22 -14.89 11.60 8.51
CA SER A 22 -13.81 12.53 8.27
C SER A 22 -14.37 13.60 7.33
N ALA A 23 -13.52 14.58 6.94
CA ALA A 23 -14.00 15.67 6.09
C ALA A 23 -14.72 15.14 4.85
N GLY A 24 -14.15 14.13 4.21
CA GLY A 24 -14.70 13.60 2.98
C GLY A 24 -16.00 12.86 3.12
N SER A 25 -16.49 12.65 4.35
CA SER A 25 -17.69 11.87 4.61
C SER A 25 -18.98 12.62 4.32
N THR A 26 -18.94 13.94 4.13
CA THR A 26 -20.15 14.70 3.86
C THR A 26 -19.95 15.56 2.63
N GLY A 27 -21.06 15.90 1.99
CA GLY A 27 -21.05 16.83 0.90
C GLY A 27 -20.76 16.25 -0.47
N LYS A 28 -20.41 14.97 -0.56
CA LYS A 28 -20.07 14.41 -1.87
C LYS A 28 -21.29 13.95 -2.65
N ALA A 29 -22.40 13.69 -1.95
CA ALA A 29 -23.63 13.16 -2.55
C ALA A 29 -24.68 13.16 -1.47
N SER A 30 -25.94 13.04 -1.88
CA SER A 30 -27.01 12.79 -0.94
C SER A 30 -26.87 11.37 -0.35
N ASP A 31 -27.23 11.23 0.92
CA ASP A 31 -27.19 9.90 1.56
C ASP A 31 -28.58 9.34 1.84
N ALA A 32 -29.61 9.93 1.26
CA ALA A 32 -30.98 9.59 1.62
C ALA A 32 -31.27 8.11 1.38
N GLY A 33 -31.67 7.42 2.45
CA GLY A 33 -32.02 6.01 2.35
C GLY A 33 -30.85 5.05 2.31
N GLU A 34 -29.63 5.55 2.29
CA GLU A 34 -28.41 4.74 2.20
C GLU A 34 -27.34 5.36 3.09
N LYS A 35 -27.69 5.62 4.35
CA LYS A 35 -26.77 6.31 5.25
CA LYS A 35 -26.77 6.31 5.25
C LYS A 35 -25.45 5.56 5.36
N GLY A 36 -24.35 6.31 5.33
CA GLY A 36 -23.02 5.75 5.48
C GLY A 36 -22.43 5.06 4.26
N LEU A 37 -23.15 5.02 3.13
CA LEU A 37 -22.74 4.19 2.00
C LEU A 37 -22.49 5.04 0.76
N LEU A 38 -21.40 4.74 0.05
CA LEU A 38 -21.13 5.47 -1.18
C LEU A 38 -20.21 4.66 -2.09
N VAL A 39 -20.44 4.77 -3.40
CA VAL A 39 -19.53 4.27 -4.43
C VAL A 39 -18.90 5.47 -5.12
N LYS A 40 -17.56 5.49 -5.19
CA LYS A 40 -16.82 6.52 -5.90
C LYS A 40 -16.07 5.88 -7.06
N VAL A 41 -16.15 6.50 -8.25
CA VAL A 41 -15.40 6.03 -9.41
C VAL A 41 -14.70 7.22 -10.06
N SER A 42 -13.42 7.05 -10.40
CA SER A 42 -12.68 8.05 -11.15
C SER A 42 -11.63 7.36 -11.99
N MET A 43 -11.20 8.03 -13.06
CA MET A 43 -10.16 7.50 -13.93
C MET A 43 -8.81 8.05 -13.47
N GLN A 44 -7.87 7.15 -13.18
CA GLN A 44 -6.56 7.54 -12.71
CA GLN A 44 -6.55 7.54 -12.72
C GLN A 44 -5.49 6.78 -13.50
N LYS A 45 -4.36 7.44 -13.72
CA LYS A 45 -3.21 6.77 -14.32
C LYS A 45 -2.57 5.84 -13.31
N VAL A 46 -2.27 4.62 -13.74
CA VAL A 46 -1.61 3.64 -12.89
C VAL A 46 -0.10 3.79 -13.11
N GLY A 47 0.61 4.20 -12.05
CA GLY A 47 2.03 4.48 -12.19
C GLY A 47 2.91 3.28 -11.94
N TYR A 48 4.17 3.40 -12.36
CA TYR A 48 5.16 2.40 -12.01
C TYR A 48 5.43 2.42 -10.51
N ASN A 49 5.71 1.25 -9.96
CA ASN A 49 5.98 1.09 -8.53
C ASN A 49 7.36 0.45 -8.41
N ALA A 50 8.40 1.29 -8.32
CA ALA A 50 9.77 0.78 -8.25
C ALA A 50 9.96 -0.13 -7.04
N ILE A 51 9.42 0.28 -5.89
CA ILE A 51 9.58 -0.52 -4.66
C ILE A 51 8.99 -1.91 -4.84
N MET A 52 7.78 -1.99 -5.38
CA MET A 52 7.17 -3.29 -5.59
C MET A 52 7.89 -4.10 -6.66
N ALA A 53 8.30 -3.43 -7.75
CA ALA A 53 9.06 -4.12 -8.77
C ALA A 53 10.35 -4.71 -8.20
N LYS A 54 11.06 -3.95 -7.37
CA LYS A 54 12.29 -4.47 -6.76
C LYS A 54 11.97 -5.60 -5.79
N SER A 55 10.88 -5.47 -5.04
CA SER A 55 10.50 -6.50 -4.08
C SER A 55 10.14 -7.81 -4.77
N VAL A 56 9.36 -7.76 -5.86
CA VAL A 56 9.00 -8.98 -6.56
C VAL A 56 10.25 -9.66 -7.11
N ALA A 57 11.14 -8.87 -7.72
CA ALA A 57 12.37 -9.44 -8.28
C ALA A 57 13.20 -10.15 -7.21
N ALA A 58 13.19 -9.64 -5.97
CA ALA A 58 14.02 -10.22 -4.93
C ALA A 58 13.33 -11.33 -4.15
N SER A 59 12.00 -11.42 -4.22
CA SER A 59 11.22 -12.23 -3.30
C SER A 59 10.27 -13.21 -3.95
N TYR A 60 10.24 -13.30 -5.30
CA TYR A 60 9.16 -14.03 -5.96
C TYR A 60 9.13 -15.51 -5.58
N MET A 61 10.26 -16.08 -5.14
CA MET A 61 10.32 -17.49 -4.78
CA MET A 61 10.26 -17.50 -4.81
C MET A 61 9.65 -17.80 -3.44
N ASN A 62 9.24 -16.77 -2.68
CA ASN A 62 8.66 -16.94 -1.35
C ASN A 62 7.15 -16.71 -1.42
N ALA A 63 6.38 -17.78 -1.21
CA ALA A 63 4.93 -17.71 -1.35
C ALA A 63 4.29 -16.89 -0.23
N LEU B 1 -26.35 5.08 -14.88
CA LEU B 1 -25.18 4.63 -15.63
C LEU B 1 -24.42 5.81 -16.25
N ASP B 2 -25.13 6.93 -16.44
CA ASP B 2 -24.53 8.07 -17.13
C ASP B 2 -23.48 8.77 -16.28
N ALA B 3 -23.61 8.70 -14.95
CA ALA B 3 -22.62 9.31 -14.08
C ALA B 3 -21.24 8.71 -14.31
N PHE B 4 -21.16 7.37 -14.36
CA PHE B 4 -19.87 6.73 -14.59
C PHE B 4 -19.37 6.97 -16.01
N SER B 5 -20.28 6.93 -16.99
CA SER B 5 -19.86 7.15 -18.37
C SER B 5 -19.22 8.51 -18.54
N LYS B 6 -19.75 9.54 -17.87
CA LYS B 6 -19.18 10.88 -17.99
C LYS B 6 -17.72 10.90 -17.53
N VAL B 7 -17.45 10.36 -16.32
CA VAL B 7 -16.10 10.48 -15.79
C VAL B 7 -15.13 9.51 -16.46
N ILE B 8 -15.64 8.40 -17.01
CA ILE B 8 -14.78 7.47 -17.73
C ILE B 8 -14.43 8.04 -19.10
N THR B 9 -15.38 8.68 -19.78
CA THR B 9 -15.08 9.26 -21.08
C THR B 9 -14.15 10.46 -20.95
N SER B 10 -14.40 11.33 -19.96
CA SER B 10 -13.51 12.47 -19.76
C SER B 10 -12.12 12.00 -19.33
N ALA B 11 -12.05 11.01 -18.45
CA ALA B 11 -10.79 10.41 -18.01
C ALA B 11 -9.82 11.45 -17.48
N ASP B 12 -10.36 12.50 -16.87
CA ASP B 12 -9.55 13.60 -16.36
C ASP B 12 -9.32 13.51 -14.86
N GLY B 13 -9.84 12.47 -14.20
CA GLY B 13 -9.71 12.34 -12.77
C GLY B 13 -10.88 12.89 -11.97
N LYS B 14 -11.80 13.62 -12.60
CA LYS B 14 -13.05 13.95 -11.94
C LYS B 14 -13.78 12.67 -11.53
N ALA B 15 -14.30 12.66 -10.31
CA ALA B 15 -14.92 11.47 -9.76
C ALA B 15 -16.44 11.58 -9.84
N ALA B 16 -17.08 10.42 -10.00
CA ALA B 16 -18.52 10.28 -9.76
C ALA B 16 -18.71 9.74 -8.36
N TYR B 17 -19.53 10.43 -7.57
CA TYR B 17 -19.88 10.01 -6.21
C TYR B 17 -21.33 9.55 -6.21
N VAL B 18 -21.55 8.28 -5.86
CA VAL B 18 -22.87 7.65 -5.96
C VAL B 18 -23.33 7.28 -4.55
N GLY B 19 -24.27 8.07 -4.00
CA GLY B 19 -24.89 7.77 -2.72
C GLY B 19 -26.39 8.00 -2.80
N GLY B 20 -27.07 7.74 -1.68
CA GLY B 20 -28.49 8.09 -1.57
C GLY B 20 -29.33 7.41 -2.63
N ALA B 21 -30.25 8.18 -3.23
CA ALA B 21 -31.18 7.60 -4.20
C ALA B 21 -30.44 7.07 -5.43
N ASP B 22 -29.35 7.76 -5.85
CA ASP B 22 -28.53 7.29 -6.96
C ASP B 22 -27.94 5.92 -6.67
N LEU B 23 -27.50 5.71 -5.43
CA LEU B 23 -26.94 4.42 -5.03
C LEU B 23 -28.02 3.37 -4.92
N GLN B 24 -29.18 3.73 -4.38
CA GLN B 24 -30.27 2.78 -4.32
C GLN B 24 -30.66 2.32 -5.73
N ALA B 25 -30.62 3.25 -6.69
CA ALA B 25 -30.96 2.89 -8.07
C ALA B 25 -29.87 2.03 -8.69
N LEU B 26 -28.60 2.38 -8.45
CA LEU B 26 -27.49 1.57 -8.96
C LEU B 26 -27.67 0.11 -8.57
N LYS B 27 -27.94 -0.13 -7.28
CA LYS B 27 -28.05 -1.50 -6.79
C LYS B 27 -29.33 -2.16 -7.25
N LYS B 28 -30.39 -1.36 -7.46
CA LYS B 28 -31.67 -1.92 -7.86
C LYS B 28 -31.58 -2.62 -9.22
N PHE B 29 -30.81 -2.05 -10.14
CA PHE B 29 -30.80 -2.50 -11.54
C PHE B 29 -29.68 -3.50 -11.83
N VAL B 30 -28.96 -3.95 -10.82
CA VAL B 30 -28.00 -5.05 -10.98
C VAL B 30 -28.45 -6.17 -10.05
N SER B 31 -27.96 -7.37 -10.32
CA SER B 31 -28.28 -8.49 -9.44
C SER B 31 -27.46 -8.39 -8.16
N ASP B 32 -28.04 -8.91 -7.07
CA ASP B 32 -27.34 -9.03 -5.78
C ASP B 32 -26.68 -7.72 -5.39
N GLY B 33 -27.46 -6.63 -5.43
CA GLY B 33 -26.88 -5.31 -5.44
C GLY B 33 -25.97 -5.03 -4.26
N ASN B 34 -26.39 -5.41 -3.06
CA ASN B 34 -25.56 -5.18 -1.88
C ASN B 34 -24.36 -6.11 -1.85
N LYS B 35 -24.57 -7.40 -2.10
CA LYS B 35 -23.45 -8.34 -2.14
C LYS B 35 -22.44 -7.95 -3.20
N ARG B 36 -22.90 -7.32 -4.28
CA ARG B 36 -22.02 -6.87 -5.35
C ARG B 36 -21.06 -5.79 -4.85
N MET B 37 -21.55 -4.89 -4.01
CA MET B 37 -20.67 -3.89 -3.42
C MET B 37 -19.57 -4.55 -2.59
N ASP B 38 -19.93 -5.54 -1.77
CA ASP B 38 -18.92 -6.27 -1.00
C ASP B 38 -17.94 -6.98 -1.92
N ALA B 39 -18.44 -7.62 -2.99
CA ALA B 39 -17.55 -8.32 -3.89
C ALA B 39 -16.57 -7.35 -4.56
N VAL B 40 -17.07 -6.19 -4.99
CA VAL B 40 -16.17 -5.17 -5.56
C VAL B 40 -15.14 -4.74 -4.53
N ASN B 41 -15.57 -4.49 -3.29
CA ASN B 41 -14.61 -4.10 -2.26
C ASN B 41 -13.57 -5.20 -2.04
N ALA B 42 -13.99 -6.46 -2.09
CA ALA B 42 -13.06 -7.57 -1.88
C ALA B 42 -11.94 -7.53 -2.90
N ILE B 43 -12.22 -7.06 -4.12
CA ILE B 43 -11.18 -6.90 -5.13
C ILE B 43 -10.35 -5.65 -4.83
N VAL B 44 -10.98 -4.47 -4.87
CA VAL B 44 -10.18 -3.24 -4.91
C VAL B 44 -9.40 -3.02 -3.61
N SER B 45 -9.95 -3.45 -2.47
CA SER B 45 -9.25 -3.25 -1.21
C SER B 45 -8.01 -4.14 -1.09
N ASN B 46 -7.88 -5.12 -1.99
CA ASN B 46 -6.75 -6.05 -2.00
C ASN B 46 -5.92 -5.93 -3.28
N ALA B 47 -6.04 -4.80 -4.00
CA ALA B 47 -5.45 -4.69 -5.33
C ALA B 47 -3.94 -4.94 -5.32
N SER B 48 -3.22 -4.30 -4.40
CA SER B 48 -1.77 -4.47 -4.38
CA SER B 48 -1.77 -4.47 -4.35
C SER B 48 -1.39 -5.91 -4.05
N CYS B 49 -2.10 -6.53 -3.10
CA CYS B 49 -1.88 -7.94 -2.77
C CYS B 49 -2.10 -8.83 -4.00
N ILE B 50 -3.24 -8.66 -4.66
CA ILE B 50 -3.59 -9.50 -5.81
C ILE B 50 -2.52 -9.39 -6.89
N VAL B 51 -2.14 -8.16 -7.23
CA VAL B 51 -1.22 -7.93 -8.35
C VAL B 51 0.17 -8.47 -8.02
N SER B 52 0.68 -8.17 -6.83
CA SER B 52 2.02 -8.62 -6.50
CA SER B 52 2.02 -8.63 -6.48
C SER B 52 2.10 -10.15 -6.43
N ASP B 53 1.06 -10.79 -5.89
CA ASP B 53 1.09 -12.25 -5.78
C ASP B 53 0.97 -12.91 -7.16
N ALA B 54 0.18 -12.34 -8.06
CA ALA B 54 0.02 -12.93 -9.39
C ALA B 54 1.29 -12.80 -10.21
N VAL B 55 1.88 -11.61 -10.24
CA VAL B 55 3.12 -11.43 -11.00
C VAL B 55 4.24 -12.25 -10.38
N SER B 56 4.28 -12.34 -9.04
CA SER B 56 5.30 -13.16 -8.37
C SER B 56 5.14 -14.65 -8.72
N GLY B 57 3.90 -15.13 -8.77
CA GLY B 57 3.67 -16.52 -9.09
C GLY B 57 3.97 -16.83 -10.55
N MET B 58 3.64 -15.89 -11.45
CA MET B 58 4.03 -16.02 -12.85
C MET B 58 5.54 -16.22 -13.00
N VAL B 59 6.34 -15.50 -12.21
CA VAL B 59 7.79 -15.59 -12.31
C VAL B 59 8.32 -16.84 -11.61
N CYS B 60 7.78 -17.18 -10.42
CA CYS B 60 8.31 -18.33 -9.71
C CYS B 60 7.99 -19.64 -10.42
N GLU B 61 6.88 -19.68 -11.15
CA GLU B 61 6.57 -20.86 -11.98
C GLU B 61 7.39 -20.87 -13.27
N ASN B 62 7.84 -19.72 -13.78
CA ASN B 62 8.65 -19.65 -15.00
C ASN B 62 9.75 -18.61 -14.83
N PRO B 63 10.82 -18.96 -14.11
CA PRO B 63 11.88 -17.97 -13.85
C PRO B 63 12.61 -17.51 -15.09
N SER B 64 12.39 -18.14 -16.26
CA SER B 64 12.98 -17.61 -17.48
C SER B 64 12.49 -16.20 -17.78
N LEU B 65 11.33 -15.82 -17.24
CA LEU B 65 10.79 -14.49 -17.48
C LEU B 65 11.62 -13.40 -16.81
N ILE B 66 12.42 -13.75 -15.80
CA ILE B 66 13.25 -12.76 -15.11
C ILE B 66 14.74 -13.00 -15.34
N ALA B 67 15.11 -13.96 -16.19
CA ALA B 67 16.48 -14.11 -16.66
C ALA B 67 16.86 -12.92 -17.55
N PRO B 68 18.14 -12.72 -17.86
CA PRO B 68 18.53 -11.57 -18.68
C PRO B 68 17.76 -11.53 -20.00
N ASN B 69 17.27 -10.34 -20.34
CA ASN B 69 16.42 -10.05 -21.48
C ASN B 69 15.05 -10.74 -21.41
N GLY B 70 14.69 -11.31 -20.26
CA GLY B 70 13.39 -11.93 -20.12
C GLY B 70 12.27 -10.91 -20.10
N GLY B 71 11.03 -11.44 -20.12
CA GLY B 71 9.87 -10.58 -20.19
C GLY B 71 9.80 -9.52 -19.10
N VAL B 72 10.24 -9.85 -17.88
CA VAL B 72 10.21 -8.88 -16.78
C VAL B 72 11.61 -8.69 -16.18
N TYR B 73 12.66 -8.97 -16.95
CA TYR B 73 14.01 -8.61 -16.54
C TYR B 73 14.14 -7.09 -16.48
N SER B 74 14.84 -6.61 -15.45
CA SER B 74 15.02 -5.18 -15.16
C SER B 74 13.78 -4.57 -14.52
N ASN B 75 14.01 -3.58 -13.65
CA ASN B 75 12.92 -3.00 -12.87
C ASN B 75 11.89 -2.31 -13.75
N ARG B 76 12.30 -1.75 -14.89
CA ARG B 76 11.32 -1.02 -15.71
C ARG B 76 10.26 -1.96 -16.27
N LYS B 77 10.67 -3.14 -16.75
CA LYS B 77 9.72 -4.07 -17.33
C LYS B 77 8.89 -4.74 -16.26
N MET B 78 9.51 -5.09 -15.13
CA MET B 78 8.73 -5.60 -14.00
C MET B 78 7.68 -4.59 -13.57
N ALA B 79 8.05 -3.31 -13.47
CA ALA B 79 7.08 -2.31 -13.06
C ALA B 79 5.96 -2.17 -14.09
N ALA B 80 6.29 -2.21 -15.38
CA ALA B 80 5.27 -2.11 -16.41
C ALA B 80 4.32 -3.29 -16.35
N CYS B 81 4.85 -4.47 -16.01
CA CYS B 81 4.01 -5.66 -15.88
C CYS B 81 3.07 -5.54 -14.68
N LEU B 82 3.60 -5.11 -13.51
CA LEU B 82 2.74 -4.89 -12.35
C LEU B 82 1.67 -3.85 -12.64
N ARG B 83 2.06 -2.77 -13.34
CA ARG B 83 1.10 -1.75 -13.75
C ARG B 83 -0.01 -2.35 -14.61
N ASP B 84 0.38 -3.14 -15.63
CA ASP B 84 -0.63 -3.77 -16.49
C ASP B 84 -1.55 -4.68 -15.68
N ALA B 85 -0.99 -5.47 -14.76
CA ALA B 85 -1.82 -6.35 -13.96
C ALA B 85 -2.86 -5.57 -13.18
N GLU B 86 -2.46 -4.41 -12.61
CA GLU B 86 -3.42 -3.58 -11.88
C GLU B 86 -4.42 -2.93 -12.82
N ILE B 87 -3.96 -2.47 -13.98
CA ILE B 87 -4.90 -1.90 -14.96
C ILE B 87 -5.99 -2.90 -15.29
N ILE B 88 -5.60 -4.14 -15.61
CA ILE B 88 -6.57 -5.19 -15.93
C ILE B 88 -7.47 -5.46 -14.73
N LEU B 89 -6.85 -5.66 -13.57
CA LEU B 89 -7.63 -5.93 -12.36
C LEU B 89 -8.68 -4.85 -12.13
N ARG B 90 -8.34 -3.60 -12.38
CA ARG B 90 -9.31 -2.55 -12.07
C ARG B 90 -10.43 -2.49 -13.08
N TYR B 91 -10.15 -2.74 -14.37
CA TYR B 91 -11.26 -2.81 -15.33
C TYR B 91 -12.18 -3.99 -15.00
N VAL B 92 -11.63 -5.10 -14.50
CA VAL B 92 -12.50 -6.18 -14.05
C VAL B 92 -13.37 -5.73 -12.88
N SER B 93 -12.76 -5.04 -11.92
CA SER B 93 -13.53 -4.56 -10.77
C SER B 93 -14.64 -3.61 -11.21
N TYR B 94 -14.38 -2.78 -12.22
CA TYR B 94 -15.43 -1.89 -12.70
C TYR B 94 -16.50 -2.67 -13.44
N SER B 95 -16.11 -3.73 -14.15
CA SER B 95 -17.09 -4.60 -14.78
C SER B 95 -18.01 -5.22 -13.74
N LEU B 96 -17.43 -5.69 -12.63
CA LEU B 96 -18.25 -6.29 -11.58
C LEU B 96 -19.12 -5.24 -10.89
N LEU B 97 -18.64 -4.00 -10.77
CA LEU B 97 -19.46 -2.93 -10.21
C LEU B 97 -20.65 -2.62 -11.10
N SER B 98 -20.42 -2.53 -12.42
CA SER B 98 -21.46 -2.08 -13.33
C SER B 98 -22.32 -3.22 -13.86
N GLY B 99 -21.89 -4.46 -13.71
CA GLY B 99 -22.60 -5.58 -14.27
C GLY B 99 -22.44 -5.79 -15.75
N ASP B 100 -21.45 -5.16 -16.40
CA ASP B 100 -21.16 -5.51 -17.78
C ASP B 100 -19.71 -5.20 -18.09
N SER B 101 -19.25 -5.74 -19.20
CA SER B 101 -17.83 -5.72 -19.56
C SER B 101 -17.52 -4.78 -20.71
N SER B 102 -18.45 -3.88 -21.04
CA SER B 102 -18.28 -3.06 -22.25
C SER B 102 -17.04 -2.16 -22.14
N VAL B 103 -16.86 -1.49 -21.00
CA VAL B 103 -15.69 -0.61 -20.86
C VAL B 103 -14.41 -1.44 -20.83
N LEU B 104 -14.45 -2.59 -20.15
CA LEU B 104 -13.29 -3.49 -20.15
C LEU B 104 -12.91 -3.88 -21.57
N GLU B 105 -13.90 -4.30 -22.38
CA GLU B 105 -13.58 -4.75 -23.72
C GLU B 105 -13.14 -3.60 -24.62
N ASP B 106 -13.80 -2.44 -24.53
CA ASP B 106 -13.56 -1.35 -25.47
C ASP B 106 -12.31 -0.54 -25.12
N ARG B 107 -12.15 -0.19 -23.84
CA ARG B 107 -11.05 0.69 -23.46
C ARG B 107 -9.78 -0.06 -23.08
N CYS B 108 -9.91 -1.30 -22.62
CA CYS B 108 -8.76 -2.06 -22.12
C CYS B 108 -8.32 -3.17 -23.05
N LEU B 109 -9.25 -3.97 -23.59
CA LEU B 109 -8.89 -5.19 -24.28
C LEU B 109 -8.77 -5.05 -25.80
N ASN B 110 -9.48 -4.11 -26.40
CA ASN B 110 -9.60 -4.08 -27.87
C ASN B 110 -8.25 -3.76 -28.49
N GLY B 111 -7.68 -4.73 -29.20
CA GLY B 111 -6.36 -4.54 -29.78
C GLY B 111 -5.21 -4.85 -28.85
N LEU B 112 -5.49 -5.39 -27.65
CA LEU B 112 -4.42 -5.62 -26.68
C LEU B 112 -3.51 -6.76 -27.11
N LYS B 113 -4.07 -7.80 -27.74
CA LYS B 113 -3.22 -8.90 -28.22
C LYS B 113 -2.19 -8.39 -29.22
N GLU B 114 -2.61 -7.51 -30.13
CA GLU B 114 -1.68 -6.97 -31.12
C GLU B 114 -0.61 -6.11 -30.45
N THR B 115 -1.00 -5.31 -29.46
CA THR B 115 -0.03 -4.50 -28.73
C THR B 115 1.03 -5.37 -28.08
N TYR B 116 0.59 -6.42 -27.36
CA TYR B 116 1.54 -7.31 -26.70
C TYR B 116 2.38 -8.08 -27.71
N SER B 117 1.77 -8.52 -28.82
CA SER B 117 2.51 -9.22 -29.85
C SER B 117 3.68 -8.37 -30.35
N SER B 118 3.40 -7.12 -30.69
CA SER B 118 4.45 -6.25 -31.22
C SER B 118 5.53 -5.98 -30.19
N LEU B 119 5.15 -5.86 -28.92
CA LEU B 119 6.10 -5.59 -27.86
C LEU B 119 6.93 -6.81 -27.46
N GLY B 120 6.52 -8.00 -27.87
CA GLY B 120 7.15 -9.20 -27.37
C GLY B 120 6.75 -9.61 -25.97
N VAL B 121 5.64 -9.08 -25.44
CA VAL B 121 5.15 -9.48 -24.12
C VAL B 121 4.64 -10.92 -24.21
N PRO B 122 5.22 -11.86 -23.46
CA PRO B 122 4.88 -13.28 -23.65
C PRO B 122 3.46 -13.61 -23.20
N ALA B 123 2.66 -14.12 -24.12
CA ALA B 123 1.24 -14.36 -23.81
C ALA B 123 1.06 -15.46 -22.78
N ALA B 124 1.99 -16.42 -22.72
CA ALA B 124 1.88 -17.49 -21.72
C ALA B 124 1.99 -16.94 -20.31
N GLY B 125 3.03 -16.15 -20.03
CA GLY B 125 3.15 -15.54 -18.72
C GLY B 125 1.99 -14.61 -18.42
N ASN B 126 1.58 -13.82 -19.42
CA ASN B 126 0.45 -12.92 -19.26
C ASN B 126 -0.81 -13.68 -18.85
N ALA B 127 -1.11 -14.79 -19.54
CA ALA B 127 -2.26 -15.61 -19.20
C ALA B 127 -2.14 -16.17 -17.78
N ARG B 128 -0.94 -16.60 -17.39
CA ARG B 128 -0.78 -17.16 -16.05
C ARG B 128 -1.01 -16.11 -14.97
N ALA B 129 -0.50 -14.89 -15.18
CA ALA B 129 -0.74 -13.83 -14.20
C ALA B 129 -2.23 -13.56 -14.06
N VAL B 130 -2.95 -13.51 -15.19
CA VAL B 130 -4.39 -13.32 -15.15
C VAL B 130 -5.06 -14.48 -14.42
N ALA B 131 -4.60 -15.72 -14.68
CA ALA B 131 -5.22 -16.87 -14.06
C ALA B 131 -5.03 -16.86 -12.54
N ILE B 132 -3.88 -16.37 -12.08
CA ILE B 132 -3.65 -16.29 -10.64
C ILE B 132 -4.49 -15.18 -10.02
N MET B 133 -4.56 -14.02 -10.70
CA MET B 133 -5.48 -12.98 -10.24
C MET B 133 -6.91 -13.50 -10.17
N LYS B 134 -7.31 -14.29 -11.17
CA LYS B 134 -8.68 -14.82 -11.19
C LYS B 134 -8.93 -15.70 -9.98
N ALA B 135 -8.01 -16.62 -9.69
CA ALA B 135 -8.19 -17.51 -8.55
C ALA B 135 -8.12 -16.74 -7.24
N THR B 136 -7.24 -15.74 -7.16
CA THR B 136 -7.13 -14.95 -5.94
C THR B 136 -8.40 -14.15 -5.69
N VAL B 137 -8.88 -13.43 -6.72
CA VAL B 137 -10.14 -12.72 -6.63
C VAL B 137 -11.26 -13.65 -6.19
N ASN B 138 -11.23 -14.90 -6.68
CA ASN B 138 -12.31 -15.83 -6.33
C ASN B 138 -12.32 -16.09 -4.84
N SER B 139 -11.14 -16.37 -4.26
CA SER B 139 -11.07 -16.59 -2.82
C SER B 139 -11.52 -15.36 -2.04
N PHE B 140 -11.07 -14.17 -2.45
CA PHE B 140 -11.42 -12.96 -1.69
C PHE B 140 -12.93 -12.70 -1.74
N ILE B 141 -13.53 -12.85 -2.93
CA ILE B 141 -14.98 -12.65 -3.02
C ILE B 141 -15.72 -13.62 -2.10
N ASN B 142 -15.27 -14.87 -2.07
CA ASN B 142 -15.85 -15.90 -1.20
C ASN B 142 -15.35 -15.81 0.23
N ASN B 143 -14.44 -14.88 0.53
CA ASN B 143 -13.82 -14.73 1.85
C ASN B 143 -13.14 -16.03 2.32
N THR B 144 -12.44 -16.71 1.42
CA THR B 144 -11.74 -17.93 1.79
C THR B 144 -10.22 -17.79 1.68
N ALA B 145 -9.70 -16.58 1.62
CA ALA B 145 -8.25 -16.40 1.62
C ALA B 145 -7.65 -16.83 2.95
N GLN B 146 -6.38 -17.22 2.90
CA GLN B 146 -5.71 -17.79 4.07
C GLN B 146 -5.50 -16.76 5.18
N GLN B 147 -5.06 -15.55 4.81
CA GLN B 147 -4.66 -14.56 5.80
CA GLN B 147 -4.64 -14.55 5.79
C GLN B 147 -5.60 -13.37 5.87
N LYS B 148 -5.79 -12.64 4.78
CA LYS B 148 -6.61 -11.44 4.81
CA LYS B 148 -6.61 -11.43 4.82
C LYS B 148 -8.09 -11.80 4.66
N LYS B 149 -8.91 -11.31 5.58
CA LYS B 149 -10.33 -11.62 5.65
C LYS B 149 -11.17 -10.37 5.48
N LEU B 150 -12.42 -10.58 5.09
CA LEU B 150 -13.44 -9.53 4.98
C LEU B 150 -14.63 -9.91 5.85
N SER B 151 -15.09 -8.96 6.66
CA SER B 151 -16.21 -9.20 7.58
C SER B 151 -17.49 -8.66 6.95
N VAL B 152 -18.39 -9.57 6.59
CA VAL B 152 -19.66 -9.23 5.91
C VAL B 152 -20.73 -10.20 6.41
N PRO B 153 -22.01 -9.91 6.20
CA PRO B 153 -23.04 -10.88 6.61
C PRO B 153 -22.87 -12.20 5.87
N SER B 154 -23.08 -13.30 6.59
CA SER B 154 -22.83 -14.62 6.04
C SER B 154 -23.84 -14.96 4.93
N GLY B 155 -23.33 -15.53 3.85
CA GLY B 155 -24.19 -15.94 2.74
C GLY B 155 -23.37 -16.49 1.60
N ASP B 156 -23.96 -16.53 0.41
CA ASP B 156 -23.37 -17.21 -0.74
C ASP B 156 -23.16 -16.19 -1.85
N CYS B 157 -21.89 -16.00 -2.23
CA CYS B 157 -21.53 -15.09 -3.31
C CYS B 157 -21.00 -15.81 -4.54
N SER B 158 -21.33 -17.09 -4.69
CA SER B 158 -20.90 -17.86 -5.85
C SER B 158 -21.26 -17.19 -7.17
N ALA B 159 -22.45 -16.59 -7.26
CA ALA B 159 -22.86 -16.00 -8.53
C ALA B 159 -21.94 -14.84 -8.91
N LEU B 160 -21.70 -13.94 -7.97
CA LEU B 160 -20.78 -12.83 -8.23
C LEU B 160 -19.36 -13.33 -8.49
N ALA B 161 -18.94 -14.40 -7.82
CA ALA B 161 -17.60 -14.93 -8.06
C ALA B 161 -17.50 -15.49 -9.47
N SER B 162 -18.57 -16.13 -9.95
CA SER B 162 -18.58 -16.62 -11.34
C SER B 162 -18.60 -15.47 -12.32
N GLU B 163 -19.35 -14.41 -12.02
CA GLU B 163 -19.40 -13.27 -12.94
C GLU B 163 -18.04 -12.60 -13.03
N ALA B 164 -17.36 -12.43 -11.89
CA ALA B 164 -16.00 -11.91 -11.94
C ALA B 164 -15.08 -12.83 -12.75
N GLY B 165 -15.15 -14.14 -12.50
CA GLY B 165 -14.33 -15.06 -13.28
C GLY B 165 -14.59 -14.95 -14.78
N GLY B 166 -15.84 -14.62 -15.15
CA GLY B 166 -16.15 -14.46 -16.56
C GLY B 166 -15.48 -13.23 -17.17
N TYR B 167 -15.38 -12.15 -16.40
CA TYR B 167 -14.66 -10.97 -16.87
C TYR B 167 -13.18 -11.28 -17.06
N PHE B 168 -12.60 -12.06 -16.14
CA PHE B 168 -11.23 -12.51 -16.34
C PHE B 168 -11.12 -13.38 -17.59
N ASP B 169 -12.13 -14.22 -17.83
CA ASP B 169 -12.10 -15.03 -19.04
C ASP B 169 -12.10 -14.17 -20.29
N LYS B 170 -12.78 -13.01 -20.25
CA LYS B 170 -12.72 -12.12 -21.39
C LYS B 170 -11.31 -11.59 -21.61
N VAL B 171 -10.57 -11.35 -20.51
CA VAL B 171 -9.18 -10.93 -20.64
C VAL B 171 -8.33 -12.04 -21.25
N THR B 172 -8.48 -13.26 -20.72
CA THR B 172 -7.71 -14.39 -21.20
C THR B 172 -7.94 -14.62 -22.70
N SER B 173 -9.19 -14.46 -23.14
CA SER B 173 -9.48 -14.62 -24.55
C SER B 173 -8.85 -13.51 -25.38
N ALA B 174 -8.87 -12.28 -24.87
CA ALA B 174 -8.23 -11.18 -25.58
C ALA B 174 -6.71 -11.32 -25.59
N ILE B 175 -6.13 -11.96 -24.57
CA ILE B 175 -4.68 -12.14 -24.51
C ILE B 175 -4.24 -13.30 -25.38
N ALA B 176 -5.09 -14.30 -25.55
CA ALA B 176 -4.85 -15.43 -26.43
C ALA B 176 -3.57 -16.17 -26.06
N ALA C 1 7.66 19.94 24.38
CA ALA C 1 6.67 18.86 24.36
C ALA C 1 6.45 18.35 22.94
N MET C 2 5.93 17.13 22.85
CA MET C 2 5.66 16.52 21.55
C MET C 2 4.71 17.38 20.72
N ALA C 3 4.82 17.24 19.41
CA ALA C 3 3.82 17.81 18.53
C ALA C 3 2.51 17.04 18.67
N LYS C 4 1.45 17.63 18.10
CA LYS C 4 0.11 17.07 18.16
C LYS C 4 -0.56 17.08 16.79
N ASP C 5 0.21 17.27 15.71
CA ASP C 5 -0.34 17.42 14.37
C ASP C 5 -0.40 16.12 13.59
N SER C 6 -0.07 14.98 14.21
CA SER C 6 -0.04 13.67 13.54
C SER C 6 0.96 13.63 12.39
N LYS C 7 1.93 14.54 12.34
CA LYS C 7 2.89 14.57 11.23
C LYS C 7 4.15 13.82 11.62
N ALA C 8 4.75 13.15 10.64
CA ALA C 8 5.97 12.39 10.85
C ALA C 8 6.90 12.63 9.66
N PRO C 9 8.21 12.46 9.85
CA PRO C 9 9.14 12.58 8.73
C PRO C 9 9.03 11.38 7.81
N VAL C 10 8.65 11.66 6.56
CA VAL C 10 8.57 10.64 5.52
C VAL C 10 9.90 10.63 4.80
N VAL C 11 10.68 9.56 4.98
CA VAL C 11 11.96 9.37 4.32
C VAL C 11 11.74 8.50 3.10
N GLU C 12 12.23 8.96 1.95
CA GLU C 12 12.17 8.19 0.71
C GLU C 12 13.59 8.04 0.16
N ILE C 13 13.94 6.82 -0.20
CA ILE C 13 15.24 6.45 -0.73
C ILE C 13 15.07 6.18 -2.22
N PHE C 14 15.96 6.74 -3.04
CA PHE C 14 15.92 6.53 -4.49
C PHE C 14 17.25 6.00 -4.97
N ASP C 15 17.19 4.90 -5.73
CA ASP C 15 18.36 4.33 -6.40
C ASP C 15 17.90 4.00 -7.81
N GLU C 16 18.16 4.90 -8.73
CA GLU C 16 17.76 4.75 -10.13
C GLU C 16 18.96 4.49 -11.02
N ARG C 17 20.00 3.87 -10.44
CA ARG C 17 21.23 3.64 -11.19
C ARG C 17 21.02 2.71 -12.37
N ASP C 18 19.94 1.91 -12.37
CA ASP C 18 19.68 1.05 -13.53
C ASP C 18 19.29 1.84 -14.78
N GLY C 19 19.05 3.15 -14.68
CA GLY C 19 18.80 3.98 -15.83
C GLY C 19 17.35 4.37 -16.07
N CYS C 20 16.41 3.80 -15.31
CA CYS C 20 15.00 4.11 -15.51
C CYS C 20 14.65 5.37 -14.73
N THR C 21 14.21 6.41 -15.44
CA THR C 21 13.89 7.68 -14.78
C THR C 21 12.49 8.12 -15.15
N SER C 22 12.11 9.27 -14.60
CA SER C 22 10.76 9.80 -14.72
C SER C 22 10.84 11.29 -14.40
N ALA C 23 9.70 11.97 -14.55
CA ALA C 23 9.66 13.43 -14.36
C ALA C 23 10.33 13.86 -13.06
N GLY C 24 10.15 13.11 -11.98
CA GLY C 24 10.70 13.48 -10.70
C GLY C 24 12.18 13.21 -10.51
N SER C 25 12.85 12.66 -11.52
CA SER C 25 14.26 12.26 -11.40
C SER C 25 15.24 13.38 -11.71
N THR C 26 14.79 14.55 -12.14
CA THR C 26 15.69 15.65 -12.43
C THR C 26 15.20 16.91 -11.73
N GLY C 27 16.11 17.87 -11.59
CA GLY C 27 15.77 19.18 -11.08
C GLY C 27 15.39 19.22 -9.64
N LYS C 28 15.50 18.11 -8.92
CA LYS C 28 15.29 18.12 -7.48
C LYS C 28 16.57 18.44 -6.73
N ALA C 29 17.71 18.03 -7.30
CA ALA C 29 19.02 18.26 -6.70
C ALA C 29 20.09 17.95 -7.74
N SER C 30 21.29 18.46 -7.51
CA SER C 30 22.44 18.06 -8.32
C SER C 30 22.84 16.63 -7.99
N ASP C 31 23.26 15.87 -8.99
CA ASP C 31 23.67 14.48 -8.76
C ASP C 31 25.19 14.31 -8.82
N ALA C 32 25.94 15.41 -8.75
CA ALA C 32 27.39 15.39 -8.89
C ALA C 32 28.03 14.29 -8.05
N GLY C 33 28.60 13.29 -8.73
CA GLY C 33 29.34 12.24 -8.06
C GLY C 33 28.52 11.14 -7.44
N GLU C 34 27.19 11.26 -7.43
CA GLU C 34 26.30 10.29 -6.83
C GLU C 34 25.14 10.01 -7.79
N LYS C 35 25.49 9.61 -9.02
CA LYS C 35 24.50 9.49 -10.09
C LYS C 35 23.38 8.52 -9.72
N GLY C 36 22.14 8.97 -9.91
CA GLY C 36 20.99 8.10 -9.70
C GLY C 36 20.59 7.89 -8.26
N LEU C 37 21.17 8.61 -7.30
CA LEU C 37 20.95 8.39 -5.88
C LEU C 37 20.36 9.64 -5.23
N LEU C 38 19.38 9.46 -4.35
CA LEU C 38 18.83 10.62 -3.64
C LEU C 38 18.12 10.20 -2.37
N VAL C 39 18.21 11.04 -1.34
CA VAL C 39 17.39 10.95 -0.13
C VAL C 39 16.42 12.12 -0.13
N LYS C 40 15.15 11.82 0.11
CA LYS C 40 14.12 12.83 0.27
C LYS C 40 13.49 12.73 1.65
N VAL C 41 13.25 13.88 2.28
CA VAL C 41 12.64 13.97 3.62
C VAL C 41 11.59 15.08 3.63
N SER C 42 10.37 14.74 4.04
CA SER C 42 9.34 15.76 4.23
C SER C 42 8.46 15.36 5.42
N MET C 43 7.81 16.36 6.00
CA MET C 43 6.86 16.13 7.09
C MET C 43 5.45 16.02 6.50
N GLN C 44 4.75 14.93 6.83
CA GLN C 44 3.43 14.67 6.28
CA GLN C 44 3.43 14.66 6.28
C GLN C 44 2.50 14.16 7.37
N LYS C 45 1.23 14.50 7.25
CA LYS C 45 0.23 13.97 8.16
C LYS C 45 0.03 12.49 7.88
N VAL C 46 0.07 11.67 8.93
CA VAL C 46 -0.22 10.25 8.82
C VAL C 46 -1.73 10.09 8.99
N GLY C 47 -2.41 9.68 7.92
CA GLY C 47 -3.85 9.62 7.94
C GLY C 47 -4.39 8.29 8.43
N TYR C 48 -5.67 8.28 8.74
CA TYR C 48 -6.34 7.04 9.12
C TYR C 48 -6.58 6.18 7.88
N ASN C 49 -6.46 4.86 8.06
CA ASN C 49 -6.58 3.89 6.97
C ASN C 49 -7.72 2.92 7.30
N ALA C 50 -8.94 3.26 6.87
CA ALA C 50 -10.10 2.43 7.21
C ALA C 50 -9.96 1.02 6.67
N ILE C 51 -9.43 0.89 5.45
CA ILE C 51 -9.29 -0.44 4.86
C ILE C 51 -8.36 -1.32 5.70
N MET C 52 -7.23 -0.77 6.15
CA MET C 52 -6.32 -1.56 6.95
C MET C 52 -6.90 -1.82 8.33
N ALA C 53 -7.58 -0.83 8.91
CA ALA C 53 -8.20 -1.04 10.21
C ALA C 53 -9.20 -2.18 10.16
N LYS C 54 -10.03 -2.20 9.12
CA LYS C 54 -10.99 -3.28 8.97
C LYS C 54 -10.29 -4.60 8.73
N SER C 55 -9.21 -4.59 7.94
CA SER C 55 -8.49 -5.82 7.65
C SER C 55 -7.90 -6.42 8.93
N VAL C 56 -7.27 -5.60 9.76
CA VAL C 56 -6.66 -6.14 10.98
C VAL C 56 -7.74 -6.72 11.89
N ALA C 57 -8.87 -6.03 12.04
CA ALA C 57 -9.94 -6.52 12.90
C ALA C 57 -10.43 -7.88 12.45
N ALA C 58 -10.48 -8.11 11.13
CA ALA C 58 -10.99 -9.36 10.59
C ALA C 58 -9.93 -10.44 10.46
N SER C 59 -8.65 -10.08 10.46
CA SER C 59 -7.60 -11.01 10.06
C SER C 59 -6.51 -11.21 11.09
N TYR C 60 -6.55 -10.53 12.24
CA TYR C 60 -5.39 -10.49 13.13
C TYR C 60 -4.99 -11.88 13.63
N MET C 61 -5.91 -12.86 13.65
CA MET C 61 -5.56 -14.19 14.16
C MET C 61 -4.74 -15.00 13.18
N ASN C 62 -4.54 -14.51 11.96
CA ASN C 62 -3.79 -15.21 10.92
C ASN C 62 -2.39 -14.60 10.82
N ALA C 63 -1.38 -15.38 11.22
CA ALA C 63 0.00 -14.90 11.18
C ALA C 63 0.46 -14.69 9.73
N LEU D 1 23.15 18.54 9.08
CA LEU D 1 21.79 18.07 8.86
C LEU D 1 20.80 19.22 8.80
N ASP D 2 21.29 20.39 8.36
CA ASP D 2 20.49 21.61 8.41
C ASP D 2 19.34 21.59 7.43
N ALA D 3 19.51 20.92 6.28
CA ALA D 3 18.40 20.80 5.33
C ALA D 3 17.25 20.02 5.96
N PHE D 4 17.56 18.93 6.65
CA PHE D 4 16.50 18.15 7.29
C PHE D 4 15.84 18.94 8.40
N SER D 5 16.62 19.61 9.25
CA SER D 5 16.05 20.39 10.33
C SER D 5 15.13 21.48 9.81
N LYS D 6 15.45 22.06 8.64
CA LYS D 6 14.60 23.06 8.02
C LYS D 6 13.18 22.56 7.86
N VAL D 7 13.01 21.48 7.08
CA VAL D 7 11.68 20.99 6.74
C VAL D 7 11.01 20.28 7.92
N ILE D 8 11.79 19.80 8.89
CA ILE D 8 11.15 19.24 10.08
C ILE D 8 10.58 20.35 10.95
N THR D 9 11.36 21.41 11.15
CA THR D 9 10.87 22.56 11.92
C THR D 9 9.68 23.21 11.24
N SER D 10 9.74 23.36 9.91
CA SER D 10 8.64 24.01 9.20
C SER D 10 7.40 23.13 9.17
N ALA D 11 7.58 21.82 8.99
CA ALA D 11 6.51 20.83 9.11
C ALA D 11 5.30 21.21 8.24
N ASP D 12 5.59 21.56 6.99
CA ASP D 12 4.59 22.11 6.08
C ASP D 12 4.48 21.31 4.79
N GLY D 13 5.10 20.13 4.72
CA GLY D 13 5.11 19.33 3.52
C GLY D 13 6.24 19.63 2.56
N LYS D 14 6.98 20.71 2.79
CA LYS D 14 8.19 20.97 2.02
C LYS D 14 9.19 19.84 2.21
N ALA D 15 9.82 19.44 1.10
CA ALA D 15 10.76 18.34 1.08
C ALA D 15 12.20 18.85 0.97
N ALA D 16 13.10 18.10 1.59
CA ALA D 16 14.53 18.27 1.39
C ALA D 16 15.01 17.15 0.48
N TYR D 17 15.55 17.52 -0.68
CA TYR D 17 16.10 16.56 -1.62
C TYR D 17 17.61 16.59 -1.48
N VAL D 18 18.21 15.42 -1.28
CA VAL D 18 19.63 15.34 -0.96
C VAL D 18 20.28 14.46 -2.01
N GLY D 19 21.06 15.07 -2.90
CA GLY D 19 21.76 14.35 -3.93
C GLY D 19 23.16 14.91 -4.11
N GLY D 20 23.91 14.28 -5.00
CA GLY D 20 25.19 14.83 -5.43
C GLY D 20 26.14 15.04 -4.27
N ALA D 21 26.77 16.22 -4.25
CA ALA D 21 27.75 16.53 -3.22
C ALA D 21 27.13 16.56 -1.83
N ASP D 22 25.89 17.05 -1.72
CA ASP D 22 25.19 17.02 -0.45
C ASP D 22 25.02 15.60 0.06
N LEU D 23 24.72 14.66 -0.85
CA LEU D 23 24.50 13.29 -0.43
C LEU D 23 25.83 12.60 -0.10
N GLN D 24 26.89 12.87 -0.87
CA GLN D 24 28.20 12.37 -0.49
C GLN D 24 28.57 12.87 0.90
N ALA D 25 28.32 14.16 1.17
CA ALA D 25 28.65 14.72 2.47
C ALA D 25 27.81 14.09 3.57
N LEU D 26 26.52 13.89 3.32
CA LEU D 26 25.66 13.27 4.31
C LEU D 26 26.15 11.88 4.67
N LYS D 27 26.53 11.09 3.67
CA LYS D 27 26.91 9.71 3.91
C LYS D 27 28.26 9.61 4.61
N LYS D 28 29.13 10.62 4.47
CA LYS D 28 30.36 10.63 5.26
C LYS D 28 30.14 11.15 6.68
N PHE D 29 29.16 12.04 6.86
CA PHE D 29 28.88 12.63 8.17
C PHE D 29 28.27 11.60 9.12
N VAL D 30 27.30 10.80 8.65
CA VAL D 30 26.76 9.69 9.43
C VAL D 30 27.74 8.52 9.33
N SER D 31 27.60 7.53 10.20
CA SER D 31 28.45 6.35 10.11
C SER D 31 27.86 5.33 9.14
N ASP D 32 28.73 4.50 8.57
CA ASP D 32 28.33 3.44 7.64
C ASP D 32 27.36 3.98 6.58
N GLY D 33 27.75 5.06 5.92
CA GLY D 33 26.80 5.86 5.16
C GLY D 33 25.97 5.09 4.16
N ASN D 34 26.61 4.27 3.31
CA ASN D 34 25.86 3.57 2.28
C ASN D 34 25.01 2.45 2.86
N LYS D 35 25.54 1.70 3.82
CA LYS D 35 24.74 0.69 4.48
C LYS D 35 23.56 1.32 5.20
N ARG D 36 23.76 2.52 5.75
CA ARG D 36 22.68 3.21 6.47
C ARG D 36 21.55 3.57 5.53
N MET D 37 21.87 3.98 4.30
CA MET D 37 20.81 4.21 3.32
C MET D 37 20.00 2.96 3.09
N ASP D 38 20.67 1.81 2.95
CA ASP D 38 19.97 0.54 2.74
C ASP D 38 19.15 0.14 3.97
N ALA D 39 19.72 0.33 5.17
CA ALA D 39 18.97 0.04 6.39
C ALA D 39 17.72 0.89 6.50
N VAL D 40 17.82 2.17 6.15
CA VAL D 40 16.64 3.03 6.20
C VAL D 40 15.61 2.55 5.19
N ASN D 41 16.06 2.21 3.98
CA ASN D 41 15.10 1.76 2.98
C ASN D 41 14.41 0.48 3.41
N ALA D 42 15.14 -0.39 4.14
CA ALA D 42 14.54 -1.62 4.63
C ALA D 42 13.38 -1.34 5.57
N ILE D 43 13.42 -0.20 6.26
CA ILE D 43 12.28 0.20 7.10
C ILE D 43 11.19 0.82 6.25
N VAL D 44 11.49 1.94 5.57
CA VAL D 44 10.41 2.74 4.99
C VAL D 44 9.74 2.01 3.84
N SER D 45 10.48 1.23 3.07
CA SER D 45 9.85 0.52 1.96
C SER D 45 8.94 -0.61 2.43
N ASN D 46 9.01 -0.99 3.71
CA ASN D 46 8.15 -2.00 4.31
C ASN D 46 7.22 -1.43 5.39
N ALA D 47 6.97 -0.12 5.37
CA ALA D 47 6.27 0.53 6.49
C ALA D 47 4.90 -0.07 6.74
N SER D 48 4.12 -0.27 5.67
CA SER D 48 2.77 -0.81 5.86
CA SER D 48 2.77 -0.81 5.83
C SER D 48 2.81 -2.22 6.41
N CYS D 49 3.72 -3.05 5.87
CA CYS D 49 3.92 -4.40 6.39
C CYS D 49 4.27 -4.40 7.87
N ILE D 50 5.22 -3.54 8.25
CA ILE D 50 5.71 -3.53 9.62
C ILE D 50 4.58 -3.14 10.58
N VAL D 51 3.85 -2.09 10.23
CA VAL D 51 2.80 -1.56 11.11
C VAL D 51 1.66 -2.55 11.24
N SER D 52 1.19 -3.10 10.11
CA SER D 52 0.04 -3.99 10.17
CA SER D 52 0.05 -4.00 10.16
C SER D 52 0.37 -5.27 10.91
N ASP D 53 1.58 -5.81 10.74
CA ASP D 53 1.91 -7.05 11.43
C ASP D 53 2.08 -6.82 12.93
N ALA D 54 2.60 -5.66 13.34
CA ALA D 54 2.80 -5.40 14.76
C ALA D 54 1.49 -5.19 15.48
N VAL D 55 0.61 -4.37 14.91
CA VAL D 55 -0.68 -4.17 15.55
C VAL D 55 -1.50 -5.46 15.53
N SER D 56 -1.41 -6.24 14.44
CA SER D 56 -2.10 -7.52 14.39
C SER D 56 -1.60 -8.46 15.49
N GLY D 57 -0.28 -8.48 15.70
CA GLY D 57 0.28 -9.35 16.74
C GLY D 57 -0.09 -8.89 18.14
N MET D 58 -0.08 -7.57 18.37
CA MET D 58 -0.58 -7.02 19.64
C MET D 58 -1.98 -7.55 19.95
N VAL D 59 -2.87 -7.54 18.94
CA VAL D 59 -4.25 -7.97 19.16
C VAL D 59 -4.35 -9.49 19.27
N CYS D 60 -3.62 -10.24 18.42
CA CYS D 60 -3.80 -11.69 18.48
C CYS D 60 -3.30 -12.24 19.81
N GLU D 61 -2.33 -11.57 20.43
CA GLU D 61 -1.86 -11.95 21.76
C GLU D 61 -2.77 -11.45 22.88
N ASN D 62 -3.56 -10.40 22.65
CA ASN D 62 -4.55 -9.95 23.63
C ASN D 62 -5.81 -9.51 22.92
N PRO D 63 -6.70 -10.44 22.59
CA PRO D 63 -7.95 -10.05 21.91
C PRO D 63 -8.90 -9.20 22.74
N SER D 64 -8.71 -9.08 24.06
CA SER D 64 -9.45 -8.06 24.82
C SER D 64 -9.29 -6.67 24.24
N LEU D 65 -8.17 -6.40 23.56
CA LEU D 65 -7.94 -5.07 22.99
C LEU D 65 -8.99 -4.72 21.95
N ILE D 66 -9.61 -5.71 21.33
CA ILE D 66 -10.61 -5.48 20.30
C ILE D 66 -12.03 -5.76 20.79
N ALA D 67 -12.19 -6.15 22.05
CA ALA D 67 -13.51 -6.27 22.66
C ALA D 67 -14.04 -4.89 23.01
N PRO D 68 -15.37 -4.76 23.15
CA PRO D 68 -15.94 -3.47 23.58
C PRO D 68 -15.20 -2.87 24.76
N ASN D 69 -14.92 -1.57 24.68
CA ASN D 69 -14.12 -0.81 25.63
C ASN D 69 -12.65 -1.21 25.66
N GLY D 70 -12.20 -1.97 24.66
CA GLY D 70 -10.78 -2.27 24.53
C GLY D 70 -10.04 -1.19 23.77
N GLY D 71 -8.71 -1.28 23.83
CA GLY D 71 -7.86 -0.23 23.29
C GLY D 71 -8.02 0.03 21.79
N VAL D 72 -8.36 -0.99 21.02
CA VAL D 72 -8.55 -0.79 19.57
C VAL D 72 -9.92 -1.30 19.13
N TYR D 73 -10.89 -1.28 20.06
CA TYR D 73 -12.26 -1.61 19.69
C TYR D 73 -12.83 -0.54 18.75
N SER D 74 -13.49 -0.99 17.67
CA SER D 74 -14.09 -0.17 16.61
C SER D 74 -13.06 0.29 15.59
N ASN D 75 -13.48 0.49 14.34
CA ASN D 75 -12.53 0.88 13.30
C ASN D 75 -11.85 2.19 13.66
N ARG D 76 -12.55 3.09 14.37
CA ARG D 76 -11.98 4.39 14.71
C ARG D 76 -10.72 4.21 15.55
N LYS D 77 -10.80 3.39 16.59
CA LYS D 77 -9.66 3.24 17.48
C LYS D 77 -8.56 2.40 16.84
N MET D 78 -8.92 1.32 16.16
CA MET D 78 -7.90 0.57 15.43
C MET D 78 -7.15 1.46 14.43
N ALA D 79 -7.87 2.35 13.74
CA ALA D 79 -7.21 3.24 12.78
C ALA D 79 -6.27 4.22 13.48
N ALA D 80 -6.69 4.76 14.63
CA ALA D 80 -5.82 5.66 15.37
C ALA D 80 -4.57 4.95 15.83
N CYS D 81 -4.70 3.66 16.17
CA CYS D 81 -3.53 2.91 16.64
C CYS D 81 -2.56 2.62 15.50
N LEU D 82 -3.09 2.15 14.36
CA LEU D 82 -2.26 1.97 13.18
C LEU D 82 -1.55 3.27 12.80
N ARG D 83 -2.26 4.39 12.88
CA ARG D 83 -1.64 5.70 12.66
C ARG D 83 -0.47 5.93 13.61
N ASP D 84 -0.69 5.75 14.92
CA ASP D 84 0.40 5.97 15.87
C ASP D 84 1.58 5.05 15.58
N ALA D 85 1.30 3.80 15.21
CA ALA D 85 2.38 2.85 14.96
C ALA D 85 3.25 3.32 13.80
N GLU D 86 2.63 3.85 12.75
CA GLU D 86 3.39 4.38 11.62
C GLU D 86 4.12 5.67 12.00
N ILE D 87 3.47 6.56 12.76
CA ILE D 87 4.16 7.76 13.25
C ILE D 87 5.44 7.38 13.97
N ILE D 88 5.33 6.49 14.94
CA ILE D 88 6.49 6.06 15.71
C ILE D 88 7.53 5.43 14.79
N LEU D 89 7.11 4.50 13.93
CA LEU D 89 8.05 3.85 13.02
C LEU D 89 8.79 4.87 12.15
N ARG D 90 8.08 5.89 11.68
CA ARG D 90 8.72 6.85 10.78
C ARG D 90 9.70 7.75 11.53
N TYR D 91 9.39 8.13 12.79
CA TYR D 91 10.40 8.84 13.58
C TYR D 91 11.62 7.96 13.86
N VAL D 92 11.41 6.66 14.09
CA VAL D 92 12.55 5.76 14.20
C VAL D 92 13.35 5.75 12.89
N SER D 93 12.67 5.67 11.74
CA SER D 93 13.38 5.65 10.47
C SER D 93 14.17 6.93 10.26
N TYR D 94 13.63 8.08 10.71
CA TYR D 94 14.38 9.33 10.55
C TYR D 94 15.58 9.35 11.49
N SER D 95 15.42 8.79 12.69
CA SER D 95 16.57 8.68 13.59
C SER D 95 17.69 7.86 12.95
N LEU D 96 17.32 6.77 12.27
CA LEU D 96 18.34 5.96 11.59
C LEU D 96 18.95 6.68 10.40
N LEU D 97 18.17 7.52 9.71
CA LEU D 97 18.74 8.29 8.61
C LEU D 97 19.77 9.27 9.12
N SER D 98 19.43 10.01 10.18
CA SER D 98 20.25 11.10 10.68
C SER D 98 21.31 10.64 11.66
N GLY D 99 21.15 9.46 12.27
CA GLY D 99 22.13 9.00 13.23
C GLY D 99 21.98 9.57 14.62
N ASP D 100 20.87 10.22 14.93
CA ASP D 100 20.58 10.56 16.31
C ASP D 100 19.07 10.59 16.50
N SER D 101 18.68 10.62 17.77
CA SER D 101 17.29 10.44 18.18
C SER D 101 16.62 11.74 18.61
N SER D 102 17.23 12.90 18.33
CA SER D 102 16.75 14.15 18.94
C SER D 102 15.32 14.46 18.51
N VAL D 103 15.05 14.38 17.20
CA VAL D 103 13.72 14.68 16.68
C VAL D 103 12.70 13.68 17.23
N LEU D 104 13.05 12.38 17.22
CA LEU D 104 12.18 11.37 17.81
C LEU D 104 11.86 11.72 19.26
N GLU D 105 12.88 12.09 20.04
CA GLU D 105 12.63 12.35 21.45
C GLU D 105 11.82 13.63 21.67
N ASP D 106 12.19 14.71 20.96
CA ASP D 106 11.59 16.02 21.19
C ASP D 106 10.19 16.12 20.59
N ARG D 107 10.02 15.68 19.36
CA ARG D 107 8.77 15.95 18.65
C ARG D 107 7.74 14.83 18.80
N CYS D 108 8.20 13.60 19.04
CA CYS D 108 7.33 12.44 19.10
C CYS D 108 7.13 11.89 20.51
N LEU D 109 8.19 11.82 21.32
CA LEU D 109 8.11 11.08 22.57
C LEU D 109 7.91 11.95 23.80
N ASN D 110 8.25 13.24 23.74
CA ASN D 110 8.27 14.06 24.95
C ASN D 110 6.84 14.32 25.40
N GLY D 111 6.47 13.75 26.54
CA GLY D 111 5.10 13.86 27.03
C GLY D 111 4.14 12.82 26.49
N LEU D 112 4.63 11.85 25.72
CA LEU D 112 3.74 10.86 25.13
C LEU D 112 3.16 9.93 26.19
N LYS D 113 3.95 9.59 27.22
CA LYS D 113 3.41 8.76 28.28
C LYS D 113 2.23 9.43 28.97
N GLU D 114 2.32 10.74 29.22
CA GLU D 114 1.23 11.46 29.87
C GLU D 114 0.01 11.53 28.94
N THR D 115 0.25 11.72 27.65
CA THR D 115 -0.84 11.73 26.67
C THR D 115 -1.59 10.40 26.70
N TYR D 116 -0.85 9.29 26.62
CA TYR D 116 -1.51 7.98 26.63
C TYR D 116 -2.15 7.69 27.99
N SER D 117 -1.50 8.11 29.07
CA SER D 117 -2.09 7.85 30.38
C SER D 117 -3.40 8.59 30.54
N SER D 118 -3.45 9.87 30.13
CA SER D 118 -4.70 10.62 30.27
C SER D 118 -5.81 10.00 29.43
N LEU D 119 -5.47 9.40 28.29
CA LEU D 119 -6.46 8.76 27.43
C LEU D 119 -6.76 7.33 27.81
N GLY D 120 -5.93 6.70 28.65
CA GLY D 120 -6.13 5.29 28.93
C GLY D 120 -5.73 4.35 27.80
N VAL D 121 -4.85 4.81 26.91
CA VAL D 121 -4.26 3.93 25.89
C VAL D 121 -3.36 2.93 26.60
N PRO D 122 -3.63 1.63 26.50
CA PRO D 122 -2.95 0.66 27.38
C PRO D 122 -1.46 0.52 27.07
N ALA D 123 -0.64 0.66 28.11
CA ALA D 123 0.81 0.66 27.92
C ALA D 123 1.34 -0.73 27.55
N ALA D 124 0.71 -1.80 28.03
CA ALA D 124 1.19 -3.15 27.70
C ALA D 124 1.03 -3.44 26.22
N GLY D 125 -0.15 -3.16 25.67
CA GLY D 125 -0.35 -3.34 24.24
C GLY D 125 0.55 -2.47 23.42
N ASN D 126 0.71 -1.20 23.81
CA ASN D 126 1.60 -0.29 23.12
C ASN D 126 3.02 -0.81 23.10
N ALA D 127 3.50 -1.27 24.26
CA ALA D 127 4.86 -1.80 24.35
C ALA D 127 5.03 -3.01 23.44
N ARG D 128 4.01 -3.85 23.36
CA ARG D 128 4.14 -5.04 22.52
C ARG D 128 4.16 -4.67 21.03
N ALA D 129 3.30 -3.73 20.61
CA ALA D 129 3.35 -3.27 19.22
C ALA D 129 4.74 -2.76 18.85
N VAL D 130 5.34 -1.96 19.74
CA VAL D 130 6.69 -1.46 19.52
C VAL D 130 7.68 -2.62 19.45
N ALA D 131 7.53 -3.59 20.35
CA ALA D 131 8.46 -4.72 20.39
C ALA D 131 8.40 -5.53 19.09
N ILE D 132 7.19 -5.72 18.54
CA ILE D 132 7.07 -6.48 17.31
C ILE D 132 7.66 -5.69 16.14
N MET D 133 7.43 -4.37 16.11
CA MET D 133 8.06 -3.56 15.07
C MET D 133 9.58 -3.65 15.18
N LYS D 134 10.11 -3.60 16.40
CA LYS D 134 11.56 -3.71 16.59
C LYS D 134 12.10 -5.02 16.00
N ALA D 135 11.46 -6.14 16.33
CA ALA D 135 11.92 -7.44 15.81
C ALA D 135 11.77 -7.50 14.30
N THR D 136 10.66 -7.02 13.76
CA THR D 136 10.46 -7.03 12.32
C THR D 136 11.51 -6.18 11.62
N VAL D 137 11.75 -4.96 12.13
CA VAL D 137 12.76 -4.09 11.51
C VAL D 137 14.12 -4.76 11.56
N ASN D 138 14.43 -5.45 12.66
CA ASN D 138 15.72 -6.11 12.76
C ASN D 138 15.93 -7.12 11.64
N SER D 139 14.92 -7.93 11.35
CA SER D 139 15.03 -8.88 10.24
C SER D 139 15.15 -8.17 8.90
N PHE D 140 14.40 -7.08 8.71
CA PHE D 140 14.47 -6.40 7.42
C PHE D 140 15.84 -5.76 7.20
N ILE D 141 16.39 -5.12 8.24
CA ILE D 141 17.72 -4.53 8.08
C ILE D 141 18.75 -5.61 7.73
N ASN D 142 18.66 -6.77 8.40
CA ASN D 142 19.58 -7.87 8.15
C ASN D 142 19.18 -8.72 6.96
N ASN D 143 18.07 -8.38 6.29
CA ASN D 143 17.54 -9.12 5.14
C ASN D 143 17.26 -10.59 5.48
N THR D 144 16.70 -10.84 6.67
CA THR D 144 16.39 -12.20 7.09
C THR D 144 14.90 -12.43 7.26
N ALA D 145 14.06 -11.58 6.68
CA ALA D 145 12.63 -11.83 6.72
C ALA D 145 12.29 -13.03 5.84
N GLN D 146 11.16 -13.66 6.14
CA GLN D 146 10.88 -14.94 5.49
C GLN D 146 10.33 -14.77 4.07
N GLN D 147 9.62 -13.68 3.79
CA GLN D 147 9.05 -13.49 2.46
C GLN D 147 9.70 -12.34 1.71
N LYS D 148 9.60 -11.11 2.21
CA LYS D 148 10.07 -9.94 1.47
C LYS D 148 11.57 -9.76 1.66
N LYS D 149 12.30 -9.74 0.54
CA LYS D 149 13.76 -9.64 0.55
C LYS D 149 14.20 -8.31 -0.06
N LEU D 150 15.38 -7.88 0.36
CA LEU D 150 16.04 -6.71 -0.22
C LEU D 150 17.35 -7.17 -0.85
N SER D 151 17.60 -6.73 -2.07
CA SER D 151 18.81 -7.10 -2.80
C SER D 151 19.83 -6.00 -2.62
N VAL D 152 20.90 -6.29 -1.87
CA VAL D 152 21.95 -5.33 -1.54
C VAL D 152 23.29 -6.06 -1.55
N PRO D 153 24.39 -5.31 -1.66
CA PRO D 153 25.71 -5.96 -1.60
C PRO D 153 25.92 -6.72 -0.30
N SER D 154 26.58 -7.86 -0.39
CA SER D 154 26.75 -8.73 0.77
C SER D 154 27.66 -8.07 1.80
N GLY D 155 27.29 -8.20 3.07
CA GLY D 155 28.07 -7.61 4.13
C GLY D 155 27.29 -7.59 5.44
N ASP D 156 27.90 -6.95 6.43
CA ASP D 156 27.35 -6.92 7.78
C ASP D 156 26.73 -5.56 8.09
N CYS D 157 25.56 -5.58 8.73
CA CYS D 157 24.87 -4.36 9.13
C CYS D 157 24.48 -4.42 10.60
N SER D 158 25.18 -5.21 11.40
CA SER D 158 24.72 -5.41 12.77
C SER D 158 24.90 -4.16 13.63
N ALA D 159 25.83 -3.27 13.27
CA ALA D 159 25.93 -2.01 14.00
C ALA D 159 24.69 -1.15 13.77
N LEU D 160 24.26 -1.04 12.51
CA LEU D 160 23.03 -0.30 12.20
C LEU D 160 21.81 -0.96 12.81
N ALA D 161 21.73 -2.29 12.75
CA ALA D 161 20.60 -2.99 13.36
C ALA D 161 20.53 -2.70 14.85
N SER D 162 21.68 -2.76 15.54
CA SER D 162 21.71 -2.45 16.97
C SER D 162 21.27 -1.02 17.24
N GLU D 163 21.70 -0.09 16.39
CA GLU D 163 21.31 1.31 16.56
C GLU D 163 19.81 1.48 16.40
N ALA D 164 19.23 0.83 15.39
CA ALA D 164 17.78 0.91 15.19
C ALA D 164 17.05 0.37 16.40
N GLY D 165 17.47 -0.80 16.91
CA GLY D 165 16.86 -1.33 18.12
C GLY D 165 16.94 -0.36 19.29
N GLY D 166 18.06 0.38 19.37
CA GLY D 166 18.20 1.38 20.41
C GLY D 166 17.17 2.49 20.30
N TYR D 167 16.82 2.88 19.07
CA TYR D 167 15.77 3.88 18.91
C TYR D 167 14.41 3.34 19.34
N PHE D 168 14.13 2.08 19.01
CA PHE D 168 12.91 1.47 19.54
C PHE D 168 12.94 1.42 21.06
N ASP D 169 14.10 1.15 21.66
CA ASP D 169 14.20 1.12 23.11
C ASP D 169 13.87 2.48 23.73
N LYS D 170 14.24 3.58 23.06
CA LYS D 170 13.85 4.90 23.58
C LYS D 170 12.35 5.08 23.55
N VAL D 171 11.68 4.56 22.51
CA VAL D 171 10.21 4.55 22.47
C VAL D 171 9.67 3.75 23.65
N THR D 172 10.16 2.53 23.81
CA THR D 172 9.70 1.66 24.91
C THR D 172 9.87 2.34 26.25
N SER D 173 11.02 2.96 26.48
CA SER D 173 11.25 3.67 27.74
C SER D 173 10.29 4.84 27.89
N ALA D 174 9.98 5.53 26.80
CA ALA D 174 9.15 6.73 26.89
C ALA D 174 7.71 6.38 27.23
N ILE D 175 7.16 5.31 26.65
CA ILE D 175 5.76 5.00 26.88
C ILE D 175 5.59 3.97 27.99
N ALA D 176 6.67 3.62 28.69
CA ALA D 176 6.67 2.99 30.01
C ALA D 176 5.70 1.83 30.19
CHA CYC E . -13.02 9.43 3.10
NA CYC E . -15.49 9.01 3.00
C1A CYC E . -14.27 9.37 2.45
C2A CYC E . -14.52 9.68 1.08
C3A CYC E . -15.89 9.51 0.85
C4A CYC E . -16.48 9.09 2.06
CMA CYC E . -16.58 9.72 -0.47
CAA CYC E . -13.51 10.11 0.07
CBA CYC E . -13.45 11.62 -0.04
CGA CYC E . -13.01 12.06 -1.38
O1A CYC E . -12.35 13.11 -1.50
O2A CYC E . -13.27 11.40 -2.40
CHB CYC E . -17.84 8.77 2.37
NB CYC E . -18.98 10.85 1.57
C1B CYC E . -18.96 9.55 2.10
C2B CYC E . -20.35 9.16 2.32
C3B CYC E . -21.13 10.19 1.95
C4B CYC E . -20.25 11.26 1.47
CMB CYC E . -20.79 7.84 2.88
CAB CYC E . -22.61 10.35 1.97
CBB CYC E . -23.29 10.06 0.73
OB CYC E . -20.65 12.36 1.04
NC CYC E . -11.27 6.39 8.31
C1C CYC E . -10.89 5.53 9.29
C2C CYC E . -11.91 5.56 10.41
C3C CYC E . -12.96 6.60 9.96
C4C CYC E . -12.49 7.07 8.61
CMC CYC E . -12.53 4.18 10.58
CAC CYC E . -13.19 7.73 10.97
CBC CYC E . -11.94 8.59 11.23
OC CYC E . -9.87 4.82 9.26
CHD CYC E . -13.10 7.98 7.83
ND CYC E . -13.35 8.64 5.48
C1D CYC E . -12.55 8.50 6.59
C2D CYC E . -11.27 8.95 6.26
C3D CYC E . -11.29 9.34 4.91
C4D CYC E . -12.61 9.15 4.41
CMD CYC E . -10.08 9.03 7.17
CAD CYC E . -10.11 9.91 4.14
CBD CYC E . -9.94 11.39 4.49
CGD CYC E . -11.04 12.27 4.04
O1D CYC E . -11.33 12.35 2.81
O2D CYC E . -11.70 12.92 4.93
NA DBV F . -4.16 -14.59 0.20
C1A DBV F . -3.99 -13.87 1.34
C2A DBV F . -2.98 -12.86 1.14
C3A DBV F . -2.55 -12.99 -0.20
C4A DBV F . -3.29 -14.09 -0.79
CMA DBV F . -2.53 -11.89 2.14
CBA DBV F . -1.56 -10.74 -0.98
OA DBV F . -4.61 -14.06 2.40
CHA DBV F . -3.17 -14.56 -2.04
CAA DBV F . -1.50 -12.23 -1.02
NB DBV F . -3.07 -16.35 -3.63
C1B DBV F . -3.81 -15.64 -2.73
C2B DBV F . -5.09 -16.17 -2.71
C3B DBV F . -5.11 -17.23 -3.64
C4B DBV F . -3.84 -17.32 -4.20
CHB DBV F . -3.42 -18.27 -5.18
CMB DBV F . -6.25 -15.71 -1.87
CAB DBV F . -6.27 -18.14 -3.99
CBB DBV F . -6.18 -19.48 -3.26
CGB DBV F . -6.29 -19.35 -1.79
O1B DBV F . -5.36 -19.68 -1.02
O2B DBV F . -7.37 -18.88 -1.28
CHC DBV F . 1.33 -17.50 -6.35
NC DBV F . -1.04 -17.66 -5.60
C1C DBV F . -2.18 -18.44 -5.80
C2C DBV F . -1.79 -19.44 -6.76
C3C DBV F . -0.47 -19.23 -7.09
C4C DBV F . -0.02 -18.13 -6.37
CMC DBV F . 0.36 -20.06 -8.08
CAC DBV F . -2.71 -20.52 -7.28
CBC DBV F . -3.43 -20.15 -8.50
CGC DBV F . -4.26 -21.26 -9.06
O1C DBV F . -5.07 -21.86 -8.37
O2C DBV F . -4.13 -21.61 -10.27
ND DBV F . 2.42 -19.57 -5.59
C1D DBV F . 2.29 -18.13 -5.33
C2D DBV F . 3.68 -17.66 -5.60
C3D DBV F . 4.49 -18.68 -5.97
C4D DBV F . 3.64 -19.90 -5.97
CMD DBV F . 4.02 -16.19 -5.44
CAD DBV F . 5.90 -18.65 -6.35
CBD DBV F . 6.79 -19.38 -5.34
OD DBV F . 4.03 -21.08 -6.26
CHA CYC G . -25.39 -7.78 2.70
NA CYC G . -23.93 -5.84 2.09
C1A CYC G . -25.09 -6.41 2.57
C2A CYC G . -25.96 -5.35 2.92
C3A CYC G . -25.30 -4.14 2.64
C4A CYC G . -24.01 -4.48 2.13
CMA CYC G . -25.86 -2.79 2.85
CAA CYC G . -27.35 -5.48 3.47
CBA CYC G . -27.32 -5.96 4.90
CGA CYC G . -26.78 -4.92 5.78
O1A CYC G . -27.44 -3.90 6.01
O2A CYC G . -25.67 -5.04 6.31
CHB CYC G . -22.89 -3.70 1.67
NB CYC G . -23.98 -1.82 0.44
C1B CYC G . -22.89 -2.47 1.03
C2B CYC G . -21.74 -1.60 0.85
C3B CYC G . -22.14 -0.49 0.19
C4B CYC G . -23.60 -0.65 -0.08
CMB CYC G . -20.36 -1.93 1.34
CAB CYC G . -21.38 0.69 -0.23
CBB CYC G . -21.26 0.96 -1.64
OB CYC G . -24.34 0.15 -0.66
NC CYC G . -21.23 -12.74 2.37
C1C CYC G . -20.34 -13.76 2.39
C2C CYC G . -19.39 -13.61 1.22
C3C CYC G . -19.80 -12.29 0.56
C4C CYC G . -21.02 -11.82 1.35
CMC CYC G . -17.93 -13.80 1.58
CAC CYC G . -19.73 -12.21 -0.97
CBC CYC G . -19.47 -10.82 -1.53
OC CYC G . -20.36 -14.68 3.21
CHD CYC G . -21.78 -10.72 1.13
ND CYC G . -23.40 -9.08 1.86
C1D CYC G . -23.09 -10.39 1.66
C2D CYC G . -24.22 -11.16 2.04
C3D CYC G . -25.22 -10.27 2.48
C4D CYC G . -24.69 -8.94 2.37
CMD CYC G . -24.38 -12.63 2.02
CAD CYC G . -26.58 -10.64 2.99
CBD CYC G . -27.55 -10.88 1.84
CGD CYC G . -28.03 -9.70 1.11
O1D CYC G . -28.38 -8.66 1.73
O2D CYC G . -28.06 -9.78 -0.18
CHA CYC H . 3.85 -2.51 -21.96
NA CYC H . 1.37 -2.39 -21.67
C1A CYC H . 2.56 -2.03 -22.29
C2A CYC H . 2.23 -1.09 -23.30
C3A CYC H . 0.85 -0.89 -23.27
C4A CYC H . 0.33 -1.73 -22.23
CMA CYC H . 0.13 0.03 -24.19
CAA CYC H . 3.18 -0.41 -24.24
CBA CYC H . 3.42 1.02 -23.80
CGA CYC H . 3.97 1.06 -22.43
O1A CYC H . 5.10 0.59 -22.20
O2A CYC H . 3.32 1.54 -21.50
CHB CYC H . -0.99 -1.94 -21.72
NB CYC H . -1.74 0.42 -21.78
C1B CYC H . -1.95 -0.95 -21.61
C2B CYC H . -3.35 -1.13 -21.30
C3B CYC H . -3.94 0.09 -21.31
C4B CYC H . -2.89 1.09 -21.61
CMB CYC H . -3.99 -2.46 -21.05
CAB CYC H . -5.37 0.40 -21.06
CBB CYC H . -5.76 1.60 -20.37
OB CYC H . -3.00 2.32 -21.71
NC CYC H . 5.38 -8.33 -19.41
C1C CYC H . 5.54 -9.63 -19.09
C2C CYC H . 4.32 -10.15 -18.36
C3C CYC H . 3.40 -8.94 -18.30
C4C CYC H . 4.13 -7.81 -18.99
CMC CYC H . 3.77 -11.36 -19.12
CAC CYC H . 2.81 -8.64 -16.90
CBC CYC H . 1.99 -9.77 -16.32
OC CYC H . 6.54 -10.30 -19.35
CHD CYC H . 3.68 -6.54 -19.16
ND CYC H . 3.50 -4.56 -20.54
C1D CYC H . 4.30 -5.46 -19.90
C2D CYC H . 5.64 -5.06 -20.14
C3D CYC H . 5.62 -3.91 -20.93
C4D CYC H . 4.27 -3.59 -21.19
CMD CYC H . 6.90 -5.69 -19.65
CAD CYC H . 6.82 -3.16 -21.45
CBD CYC H . 7.31 -3.91 -22.70
CGD CYC H . 8.60 -3.47 -23.23
O1D CYC H . 8.83 -2.24 -23.35
O2D CYC H . 9.45 -4.38 -23.56
CHA CYC I . 10.26 9.40 -8.62
NA CYC I . 12.73 9.76 -8.56
C1A CYC I . 11.43 10.05 -8.17
C2A CYC I . 11.50 11.11 -7.23
C3A CYC I . 12.85 11.46 -7.06
C4A CYC I . 13.59 10.59 -7.91
CMA CYC I . 13.36 12.52 -6.15
CAA CYC I . 10.36 11.75 -6.54
CBA CYC I . 9.96 13.07 -7.17
CGA CYC I . 9.34 14.01 -6.21
O1A CYC I . 8.73 14.99 -6.64
O2A CYC I . 9.42 13.82 -4.98
CHB CYC I . 15.00 10.48 -8.14
NB CYC I . 15.47 12.88 -8.50
C1B CYC I . 15.84 11.54 -8.34
C2B CYC I . 17.28 11.49 -8.45
C3B CYC I . 17.74 12.73 -8.65
C4B CYC I . 16.57 13.64 -8.67
CMB CYC I . 18.06 10.21 -8.34
CAB CYC I . 19.13 13.23 -8.82
CBB CYC I . 19.59 14.11 -7.79
OB CYC I . 16.57 14.86 -8.85
NC CYC I . 9.89 3.70 -11.35
C1C CYC I . 9.86 2.41 -11.75
C2C CYC I . 10.93 2.19 -12.81
C3C CYC I . 11.60 3.56 -12.97
C4C CYC I . 10.88 4.46 -11.99
CMC CYC I . 11.86 1.05 -12.45
CAC CYC I . 11.57 4.10 -14.40
CBC CYC I . 10.16 4.39 -14.92
OC CYC I . 9.09 1.55 -11.33
CHD CYC I . 11.13 5.77 -11.80
ND CYC I . 10.98 7.58 -10.20
C1D CYC I . 10.35 6.70 -11.02
C2D CYC I . 8.96 6.89 -10.91
C3D CYC I . 8.75 7.93 -9.99
C4D CYC I . 10.05 8.37 -9.55
CMD CYC I . 7.89 6.14 -11.64
CAD CYC I . 7.44 8.49 -9.54
CBD CYC I . 6.89 9.55 -10.49
CGD CYC I . 7.69 10.80 -10.57
O1D CYC I . 7.71 11.62 -9.61
O2D CYC I . 8.35 10.98 -11.65
NA DBV J . 8.09 -10.66 7.30
C1A DBV J . 7.86 -10.71 5.97
C2A DBV J . 6.61 -10.05 5.67
C3A DBV J . 6.09 -9.60 6.89
C4A DBV J . 7.03 -9.98 7.93
CMA DBV J . 6.06 -9.91 4.32
CBA DBV J . 4.50 -7.62 6.42
OA DBV J . 8.61 -11.23 5.11
CHA DBV J . 6.90 -9.75 9.25
CAA DBV J . 4.79 -8.84 7.23
NB DBV J . 7.10 -10.36 11.56
C1B DBV J . 7.72 -10.10 10.36
C2B DBV J . 9.10 -10.23 10.55
C3B DBV J . 9.29 -10.58 11.89
C4B DBV J . 8.05 -10.68 12.49
CHB DBV J . 7.81 -11.03 13.85
CMB DBV J . 10.18 -10.01 9.53
CAB DBV J . 10.61 -10.85 12.59
CBB DBV J . 10.95 -12.35 12.63
CGB DBV J . 11.09 -12.91 11.27
O1B DBV J . 10.31 -13.76 10.81
O2B DBV J . 12.05 -12.51 10.55
CHC DBV J . 2.97 -11.00 14.74
NC DBV J . 5.33 -10.95 14.06
C1C DBV J . 6.62 -11.14 14.57
C2C DBV J . 6.41 -11.47 15.95
C3C DBV J . 5.07 -11.46 16.21
C4C DBV J . 4.41 -11.13 15.03
CMC DBV J . 4.44 -11.77 17.56
CAC DBV J . 7.50 -11.79 16.95
CBC DBV J . 7.94 -10.63 17.73
CGC DBV J . 9.05 -10.90 18.68
O1C DBV J . 10.09 -11.46 18.32
O2C DBV J . 8.93 -10.56 19.90
ND DBV J . 2.57 -13.34 15.32
C1D DBV J . 2.31 -12.32 14.29
C2D DBV J . 0.82 -12.22 14.36
C3D DBV J . 0.30 -13.03 15.31
C4D DBV J . 1.46 -13.75 15.91
CMD DBV J . 0.09 -11.26 13.45
CAD DBV J . -1.10 -13.22 15.74
CBD DBV J . -1.68 -14.58 15.36
OD DBV J . 1.38 -14.60 16.84
CHA CYC K . 26.83 -0.85 -0.16
NA CYC K . 24.80 0.56 -0.58
C1A CYC K . 26.14 0.20 -0.78
C2A CYC K . 26.67 1.11 -1.73
C3A CYC K . 25.66 2.00 -2.08
C4A CYC K . 24.50 1.62 -1.35
CMA CYC K . 25.78 3.12 -3.07
CAA CYC K . 28.08 1.12 -2.25
CBA CYC K . 28.34 0.02 -3.26
CGA CYC K . 27.54 0.23 -4.50
O1A CYC K . 27.83 1.15 -5.26
O2A CYC K . 26.59 -0.49 -4.78
CHB CYC K . 23.17 2.15 -1.31
NB CYC K . 23.61 4.61 -1.40
C1B CYC K . 22.79 3.48 -1.45
C2B CYC K . 21.43 3.95 -1.68
C3B CYC K . 21.47 5.29 -1.77
C4B CYC K . 22.88 5.71 -1.58
CMB CYC K . 20.25 3.04 -1.77
CAB CYC K . 20.39 6.29 -1.97
CBB CYC K . 20.23 7.25 -0.91
OB CYC K . 23.33 6.86 -1.59
NC CYC K . 24.21 -5.72 3.08
C1C CYC K . 23.69 -6.81 3.69
C2C CYC K . 22.66 -6.37 4.71
C3C CYC K . 22.61 -4.86 4.55
C4C CYC K . 23.67 -4.51 3.52
CMC CYC K . 21.36 -7.15 4.66
CAC CYC K . 22.42 -4.02 5.82
CBC CYC K . 21.54 -2.80 5.60
OC CYC K . 24.03 -7.97 3.46
CHD CYC K . 24.02 -3.28 3.07
ND CYC K . 25.20 -1.94 1.40
C1D CYC K . 25.23 -2.94 2.33
C2D CYC K . 26.55 -3.45 2.34
C3D CYC K . 27.32 -2.73 1.41
C4D CYC K . 26.44 -1.77 0.81
CMD CYC K . 27.08 -4.53 3.19
CAD CYC K . 28.77 -2.94 1.07
CBD CYC K . 29.71 -2.29 2.09
CGD CYC K . 29.77 -0.82 2.01
O1D CYC K . 29.72 -0.22 0.91
O2D CYC K . 29.89 -0.20 3.13
CHA CYC L . -4.60 8.66 20.33
NA CYC L . -2.23 9.24 19.81
C1A CYC L . -3.51 9.54 20.23
C2A CYC L . -3.50 10.93 20.53
C3A CYC L . -2.21 11.42 20.31
C4A CYC L . -1.42 10.34 19.85
CMA CYC L . -1.81 12.85 20.54
CAA CYC L . -4.69 11.71 21.03
CBA CYC L . -5.26 12.57 19.92
CGA CYC L . -5.74 11.79 18.75
O1A CYC L . -6.57 10.89 18.91
O2A CYC L . -5.31 12.01 17.62
CHB CYC L . -0.05 10.24 19.43
NB CYC L . 0.02 12.34 18.06
C1B CYC L . 0.60 11.21 18.67
C2B CYC L . 2.02 11.25 18.38
C3B CYC L . 2.28 12.35 17.64
C4B CYC L . 0.99 13.04 17.44
CMB CYC L . 2.99 10.22 18.86
CAB CYC L . 3.59 12.84 17.11
CBB CYC L . 3.65 13.58 15.89
OB CYC L . 0.81 14.10 16.81
NC CYC L . -4.31 2.23 21.11
C1C CYC L . -4.06 0.96 21.55
C2C CYC L . -2.70 0.52 21.11
C3C CYC L . -2.16 1.71 20.32
C4C CYC L . -3.25 2.77 20.39
CMC CYC L . -1.86 0.08 22.31
CAC CYC L . -1.66 1.37 18.92
CBC CYC L . -0.41 0.49 18.98
OC CYC L . -4.86 0.30 22.24
CHD CYC L . -3.19 4.01 19.82
ND CYC L . -3.67 6.35 20.05
C1D CYC L . -4.16 5.08 19.96
C2D CYC L . -5.58 5.15 20.05
C3D CYC L . -5.91 6.50 20.20
C4D CYC L . -4.70 7.27 20.21
CMD CYC L . -6.58 4.04 19.99
CAD CYC L . -7.31 7.05 20.34
CBD CYC L . -7.71 6.99 21.82
CGD CYC L . -9.13 7.28 22.13
O1D CYC L . -9.79 8.03 21.37
O2D CYC L . -9.64 6.78 23.19
#